data_5GRV
#
_entry.id   5GRV
#
_cell.length_a   134.124
_cell.length_b   134.124
_cell.length_c   76.269
_cell.angle_alpha   90.00
_cell.angle_beta   90.00
_cell.angle_gamma   120.00
#
_symmetry.space_group_name_H-M   'P 61 2 2'
#
loop_
_entity.id
_entity.type
_entity.pdbx_description
1 polymer 'homo-specific diabody heavy chain'
2 polymer 'homo-specific diabody light chain'
3 water water
#
loop_
_entity_poly.entity_id
_entity_poly.type
_entity_poly.pdbx_seq_one_letter_code
_entity_poly.pdbx_strand_id
1 'polypeptide(L)'
;EVQLVESGGGLVQPGGSLRLSCAASGFTFRNSAMHWVRQAPGKGLEWVSSIWYSGSNTYYADSVKGRFTISRDNSKNTLY
LQMNSLIAEDTAVYYCARFAGGWGAYDVWGQGTLVTVSSGGGGS
;
L
2 'polypeptide(L)'
;DIVLTQSPATLSLSPGERATLSCRASQSVSSNYLAWYQQKPGQAPRLLIYDSSSRATGVPARFSGSGSGTDFTLTISSLE
PEDFAVYYCHQYSDISPTFGQGTKVEIKSGRLVPRGSRSHHHHHH
;
K
#
# COMPACT_ATOMS: atom_id res chain seq x y z
N VAL A 2 -9.76 12.76 -9.72
CA VAL A 2 -8.80 12.44 -8.67
C VAL A 2 -7.84 11.39 -9.19
N GLN A 3 -6.54 11.66 -9.07
CA GLN A 3 -5.57 10.81 -9.73
C GLN A 3 -4.14 11.11 -9.29
N LEU A 4 -3.32 10.07 -9.27
CA LEU A 4 -1.88 10.22 -9.03
C LEU A 4 -1.17 9.60 -10.20
N VAL A 5 -0.05 10.17 -10.61
CA VAL A 5 0.72 9.58 -11.69
C VAL A 5 2.20 9.59 -11.38
N GLU A 6 2.73 8.41 -11.06
CA GLU A 6 4.15 8.30 -10.77
C GLU A 6 4.95 8.39 -12.06
N SER A 7 6.26 8.64 -11.93
CA SER A 7 7.18 8.62 -13.04
C SER A 7 8.58 8.66 -12.46
N GLY A 8 9.58 8.38 -13.28
CA GLY A 8 10.98 8.46 -12.86
C GLY A 8 11.64 7.12 -12.58
N GLY A 9 10.89 6.04 -12.76
CA GLY A 9 11.43 4.70 -12.55
C GLY A 9 12.34 4.28 -13.70
N GLY A 10 13.00 3.14 -13.55
CA GLY A 10 13.84 2.62 -14.61
C GLY A 10 14.90 1.69 -14.06
N LEU A 11 15.78 1.24 -14.95
CA LEU A 11 16.79 0.26 -14.60
C LEU A 11 18.07 0.95 -14.20
N VAL A 12 18.64 0.57 -13.07
CA VAL A 12 19.89 1.16 -12.65
C VAL A 12 20.70 0.12 -11.95
N GLN A 13 21.97 0.40 -11.78
CA GLN A 13 22.86 -0.58 -11.19
C GLN A 13 23.03 -0.22 -9.72
N PRO A 14 23.36 -1.22 -8.89
CA PRO A 14 23.51 -0.97 -7.45
C PRO A 14 24.47 0.17 -7.17
N GLY A 15 24.05 1.12 -6.34
CA GLY A 15 24.86 2.27 -5.99
C GLY A 15 24.39 3.53 -6.70
N GLY A 16 23.54 3.36 -7.70
CA GLY A 16 23.03 4.46 -8.49
C GLY A 16 21.88 5.15 -7.78
N SER A 17 21.29 6.15 -8.43
CA SER A 17 20.22 6.89 -7.79
C SER A 17 19.11 7.26 -8.76
N LEU A 18 17.92 7.44 -8.20
CA LEU A 18 16.74 7.72 -9.00
C LEU A 18 15.93 8.74 -8.21
N ARG A 19 15.13 9.53 -8.92
CA ARG A 19 14.21 10.40 -8.24
C ARG A 19 12.84 10.16 -8.85
N LEU A 20 11.90 9.71 -8.03
CA LEU A 20 10.56 9.46 -8.51
C LEU A 20 9.68 10.66 -8.29
N SER A 21 8.65 10.76 -9.12
CA SER A 21 7.73 11.86 -9.10
C SER A 21 6.34 11.34 -9.03
N CYS A 22 5.49 12.01 -8.26
CA CYS A 22 4.08 11.70 -8.24
C CYS A 22 3.30 12.98 -8.42
N ALA A 23 2.54 13.05 -9.52
CA ALA A 23 1.78 14.25 -9.86
C ALA A 23 0.32 14.07 -9.49
N ALA A 24 -0.15 14.89 -8.55
CA ALA A 24 -1.50 14.75 -8.02
C ALA A 24 -2.46 15.67 -8.74
N SER A 25 -3.70 15.25 -8.88
CA SER A 25 -4.70 16.14 -9.43
C SER A 25 -6.08 15.77 -8.91
N GLY A 26 -7.00 16.73 -8.92
CA GLY A 26 -8.38 16.48 -8.52
C GLY A 26 -8.66 16.58 -7.04
N PHE A 27 -7.69 17.04 -6.26
CA PHE A 27 -7.91 17.22 -4.84
C PHE A 27 -6.95 18.27 -4.27
N THR A 28 -7.21 18.69 -3.04
CA THR A 28 -6.41 19.75 -2.44
C THR A 28 -5.14 19.14 -1.89
N PHE A 29 -4.13 19.07 -2.75
CA PHE A 29 -2.89 18.36 -2.46
C PHE A 29 -2.26 18.72 -1.10
N ARG A 30 -2.16 20.01 -0.81
CA ARG A 30 -1.45 20.47 0.40
C ARG A 30 -2.11 19.98 1.69
N ASN A 31 -3.40 19.66 1.63
CA ASN A 31 -4.09 19.16 2.82
C ASN A 31 -4.10 17.63 2.95
N SER A 32 -3.31 16.94 2.13
CA SER A 32 -3.20 15.49 2.27
C SER A 32 -1.81 15.02 2.69
N ALA A 33 -1.77 14.07 3.62
CA ALA A 33 -0.55 13.33 3.88
C ALA A 33 -0.31 12.42 2.67
N MET A 34 0.94 12.33 2.21
CA MET A 34 1.29 11.52 1.03
C MET A 34 2.35 10.48 1.37
N HIS A 35 2.16 9.25 0.87
CA HIS A 35 3.06 8.14 1.20
C HIS A 35 3.59 7.43 -0.04
N TRP A 36 4.74 6.77 0.11
CA TRP A 36 5.20 5.83 -0.91
C TRP A 36 5.11 4.41 -0.35
N VAL A 37 4.55 3.50 -1.15
CA VAL A 37 4.40 2.08 -0.83
C VAL A 37 4.98 1.25 -1.98
N ARG A 38 5.86 0.29 -1.68
CA ARG A 38 6.46 -0.50 -2.76
C ARG A 38 6.10 -1.99 -2.72
N GLN A 39 6.22 -2.64 -3.88
CA GLN A 39 5.91 -4.04 -4.00
C GLN A 39 6.98 -4.77 -4.85
N ALA A 40 7.88 -5.50 -4.18
CA ALA A 40 8.85 -6.35 -4.86
C ALA A 40 8.12 -7.37 -5.78
N PRO A 41 8.71 -7.71 -6.93
CA PRO A 41 8.06 -8.65 -7.86
C PRO A 41 7.66 -9.94 -7.15
N GLY A 42 6.38 -10.28 -7.21
CA GLY A 42 5.83 -11.44 -6.53
C GLY A 42 5.73 -11.36 -5.00
N LYS A 43 5.74 -10.17 -4.43
CA LYS A 43 5.74 -10.05 -2.98
C LYS A 43 4.60 -9.15 -2.49
N GLY A 44 4.55 -8.92 -1.19
CA GLY A 44 3.51 -8.09 -0.61
C GLY A 44 3.78 -6.60 -0.69
N LEU A 45 2.82 -5.81 -0.23
CA LEU A 45 2.99 -4.37 -0.12
C LEU A 45 3.88 -4.05 1.07
N GLU A 46 4.78 -3.09 0.89
CA GLU A 46 5.67 -2.65 1.96
C GLU A 46 5.65 -1.10 2.00
N TRP A 47 5.30 -0.52 3.14
CA TRP A 47 5.30 0.93 3.24
C TRP A 47 6.75 1.43 3.26
N VAL A 48 7.01 2.51 2.52
CA VAL A 48 8.37 3.05 2.40
C VAL A 48 8.55 4.38 3.13
N SER A 49 7.62 5.32 2.93
CA SER A 49 7.83 6.65 3.46
C SER A 49 6.57 7.50 3.52
N SER A 50 6.56 8.45 4.46
CA SER A 50 5.42 9.33 4.68
C SER A 50 5.85 10.76 4.84
N ILE A 51 5.04 11.66 4.29
CA ILE A 51 5.20 13.09 4.59
C ILE A 51 3.83 13.67 4.96
N TRP A 52 3.81 14.59 5.93
CA TRP A 52 2.60 15.36 6.27
C TRP A 52 2.39 16.61 5.39
N TYR A 53 1.44 17.45 5.77
CA TYR A 53 1.04 18.63 4.98
C TYR A 53 2.16 19.47 4.35
N SER A 54 3.22 19.69 5.13
CA SER A 54 4.46 20.25 4.58
C SER A 54 5.69 19.35 4.80
N GLY A 55 5.84 18.79 5.99
CA GLY A 55 5.10 19.19 7.18
C GLY A 55 5.80 20.31 7.95
N SER A 56 7.10 20.14 8.19
CA SER A 56 7.75 18.97 7.63
C SER A 56 8.20 17.91 8.60
N ASN A 57 7.26 17.01 8.91
CA ASN A 57 7.58 15.73 9.54
C ASN A 57 7.63 14.62 8.51
N THR A 58 8.67 13.80 8.59
CA THR A 58 8.78 12.70 7.66
C THR A 58 9.10 11.39 8.36
N TYR A 59 8.66 10.30 7.74
CA TYR A 59 8.82 8.98 8.34
C TYR A 59 9.30 7.99 7.27
N TYR A 60 10.18 7.08 7.69
CA TYR A 60 10.83 6.13 6.78
C TYR A 60 10.84 4.73 7.39
N ALA A 61 10.54 3.71 6.57
CA ALA A 61 10.79 2.31 6.93
C ALA A 61 12.27 2.10 7.27
N ASP A 62 12.56 1.21 8.20
CA ASP A 62 13.94 0.95 8.62
C ASP A 62 14.88 0.60 7.46
N SER A 63 14.34 -0.10 6.44
CA SER A 63 15.14 -0.57 5.32
C SER A 63 15.67 0.54 4.41
N VAL A 64 15.02 1.70 4.41
CA VAL A 64 15.40 2.77 3.48
C VAL A 64 15.92 3.99 4.22
N LYS A 65 16.08 3.86 5.53
CA LYS A 65 16.46 5.00 6.35
C LYS A 65 17.86 5.46 5.95
N GLY A 66 18.01 6.77 5.76
CA GLY A 66 19.29 7.34 5.40
C GLY A 66 19.67 7.24 3.95
N ARG A 67 18.84 6.60 3.13
CA ARG A 67 19.14 6.48 1.72
C ARG A 67 18.06 7.15 0.89
N PHE A 68 16.85 7.14 1.40
CA PHE A 68 15.71 7.70 0.68
C PHE A 68 15.32 8.96 1.40
N THR A 69 14.75 9.89 0.64
CA THR A 69 14.29 11.15 1.18
C THR A 69 13.00 11.55 0.47
N ILE A 70 11.93 11.68 1.24
CA ILE A 70 10.66 12.07 0.68
C ILE A 70 10.55 13.60 0.81
N SER A 71 9.85 14.21 -0.13
CA SER A 71 9.56 15.64 -0.10
C SER A 71 8.38 15.90 -1.01
N ARG A 72 7.88 17.13 -0.95
CA ARG A 72 6.70 17.49 -1.72
C ARG A 72 6.88 18.94 -2.12
N ASP A 73 6.27 19.31 -3.24
CA ASP A 73 6.21 20.70 -3.66
C ASP A 73 4.75 20.99 -3.89
N ASN A 74 4.13 21.70 -2.95
CA ASN A 74 2.68 21.88 -3.01
C ASN A 74 2.26 22.76 -4.16
N SER A 75 3.17 23.66 -4.55
CA SER A 75 2.86 24.61 -5.62
C SER A 75 2.82 23.88 -6.95
N LYS A 76 3.51 22.74 -7.00
CA LYS A 76 3.51 21.90 -8.19
C LYS A 76 2.60 20.68 -8.07
N ASN A 77 1.88 20.55 -6.95
CA ASN A 77 1.05 19.38 -6.70
C ASN A 77 1.85 18.09 -6.92
N THR A 78 3.04 18.04 -6.34
CA THR A 78 3.95 16.95 -6.63
C THR A 78 4.65 16.40 -5.40
N LEU A 79 4.66 15.07 -5.32
CA LEU A 79 5.39 14.34 -4.29
C LEU A 79 6.63 13.73 -4.90
N TYR A 80 7.71 13.67 -4.13
CA TYR A 80 8.98 13.15 -4.66
C TYR A 80 9.58 12.10 -3.75
N LEU A 81 10.31 11.16 -4.36
CA LEU A 81 11.16 10.24 -3.60
C LEU A 81 12.55 10.23 -4.19
N GLN A 82 13.49 10.71 -3.38
CA GLN A 82 14.88 10.75 -3.78
C GLN A 82 15.51 9.48 -3.29
N MET A 83 15.84 8.60 -4.22
CA MET A 83 16.41 7.30 -3.90
C MET A 83 17.92 7.26 -4.15
N ASN A 84 18.70 7.38 -3.07
CA ASN A 84 20.15 7.21 -3.15
C ASN A 84 20.64 5.84 -2.70
N SER A 85 21.89 5.52 -2.99
CA SER A 85 22.51 4.24 -2.64
C SER A 85 21.59 3.04 -2.87
N LEU A 86 20.97 2.97 -4.04
CA LEU A 86 20.08 1.86 -4.38
C LEU A 86 20.80 0.52 -4.22
N ILE A 87 20.06 -0.48 -3.77
CA ILE A 87 20.55 -1.86 -3.79
C ILE A 87 19.51 -2.77 -4.44
N ALA A 88 19.94 -3.96 -4.85
CA ALA A 88 19.06 -4.95 -5.48
C ALA A 88 17.70 -5.11 -4.78
N GLU A 89 17.72 -5.20 -3.45
CA GLU A 89 16.54 -5.36 -2.61
C GLU A 89 15.51 -4.25 -2.79
N ASP A 90 15.90 -3.16 -3.44
CA ASP A 90 14.99 -2.02 -3.63
C ASP A 90 14.10 -2.24 -4.85
N THR A 91 14.40 -3.30 -5.59
CA THR A 91 13.71 -3.57 -6.83
C THR A 91 12.24 -3.72 -6.49
N ALA A 92 11.38 -2.95 -7.17
CA ALA A 92 9.96 -3.05 -6.91
C ALA A 92 9.18 -2.05 -7.76
N VAL A 93 7.87 -2.25 -7.87
CA VAL A 93 6.99 -1.21 -8.35
C VAL A 93 6.81 -0.24 -7.17
N TYR A 94 6.98 1.06 -7.39
CA TYR A 94 6.78 2.05 -6.33
C TYR A 94 5.49 2.76 -6.61
N TYR A 95 4.61 2.73 -5.61
CA TYR A 95 3.33 3.41 -5.69
C TYR A 95 3.31 4.64 -4.81
N CYS A 96 2.71 5.72 -5.30
CA CYS A 96 2.44 6.82 -4.42
C CYS A 96 0.96 6.73 -4.04
N ALA A 97 0.65 7.11 -2.80
CA ALA A 97 -0.72 7.01 -2.31
C ALA A 97 -1.07 8.19 -1.43
N ARG A 98 -2.32 8.60 -1.54
CA ARG A 98 -2.87 9.60 -0.64
C ARG A 98 -3.39 8.90 0.60
N PHE A 99 -2.89 9.32 1.75
CA PHE A 99 -3.30 8.74 3.01
C PHE A 99 -4.39 9.63 3.60
N ALA A 100 -5.60 9.11 3.70
CA ALA A 100 -6.72 9.91 4.19
C ALA A 100 -7.04 9.61 5.66
N GLY A 101 -6.22 8.77 6.29
CA GLY A 101 -6.43 8.41 7.69
C GLY A 101 -7.87 7.98 7.98
N GLY A 102 -8.45 8.57 9.03
CA GLY A 102 -9.82 8.25 9.41
C GLY A 102 -10.77 8.47 8.25
N TRP A 103 -10.33 9.18 7.20
CA TRP A 103 -11.27 9.50 6.13
C TRP A 103 -11.06 8.60 4.92
N GLY A 104 -10.32 7.51 5.10
CA GLY A 104 -10.15 6.52 4.03
C GLY A 104 -8.88 5.69 3.84
N ALA A 105 -7.93 5.81 4.77
CA ALA A 105 -6.68 5.05 4.66
C ALA A 105 -5.97 5.43 3.33
N TYR A 106 -5.53 4.43 2.56
CA TYR A 106 -4.93 4.70 1.25
C TYR A 106 -6.04 4.69 0.19
N ASP A 107 -6.82 5.76 0.11
CA ASP A 107 -7.97 5.76 -0.81
C ASP A 107 -7.63 6.08 -2.25
N VAL A 108 -6.43 6.61 -2.51
CA VAL A 108 -6.01 6.93 -3.88
C VAL A 108 -4.58 6.44 -4.17
N TRP A 109 -4.45 5.67 -5.24
CA TRP A 109 -3.17 5.07 -5.65
C TRP A 109 -2.86 5.47 -7.08
N GLY A 110 -1.58 5.73 -7.35
CA GLY A 110 -1.13 5.88 -8.73
C GLY A 110 -0.98 4.50 -9.36
N GLN A 111 -0.54 4.46 -10.62
CA GLN A 111 -0.39 3.19 -11.33
C GLN A 111 0.95 2.51 -11.00
N GLY A 112 1.84 3.21 -10.32
CA GLY A 112 3.10 2.62 -9.91
C GLY A 112 4.18 2.83 -10.96
N THR A 113 5.43 2.86 -10.53
CA THR A 113 6.54 3.00 -11.46
C THR A 113 7.59 1.98 -11.08
N LEU A 114 8.08 1.24 -12.07
CA LEU A 114 9.01 0.14 -11.79
C LEU A 114 10.46 0.60 -11.63
N VAL A 115 11.05 0.23 -10.49
CA VAL A 115 12.46 0.47 -10.25
C VAL A 115 13.13 -0.89 -10.19
N THR A 116 14.10 -1.13 -11.08
CA THR A 116 14.87 -2.36 -11.08
C THR A 116 16.33 -2.08 -10.80
N VAL A 117 16.87 -2.65 -9.72
CA VAL A 117 18.28 -2.46 -9.41
C VAL A 117 19.00 -3.77 -9.65
N SER A 118 19.85 -3.78 -10.67
CA SER A 118 20.48 -5.01 -11.12
C SER A 118 21.81 -4.78 -11.79
N SER A 119 22.82 -5.55 -11.40
CA SER A 119 24.09 -5.57 -12.11
C SER A 119 24.03 -6.50 -13.33
N GLY A 120 22.95 -7.24 -13.47
CA GLY A 120 22.78 -8.11 -14.62
C GLY A 120 23.22 -9.55 -14.37
N GLY A 121 23.42 -9.90 -13.10
CA GLY A 121 23.66 -11.29 -12.78
C GLY A 121 25.09 -11.67 -12.43
N GLY A 122 26.06 -11.00 -13.05
CA GLY A 122 27.45 -11.23 -12.72
C GLY A 122 27.90 -10.43 -11.51
N GLY A 123 29.17 -10.58 -11.14
CA GLY A 123 29.74 -9.89 -10.00
C GLY A 123 29.01 -10.21 -8.71
N SER A 124 28.53 -11.45 -8.64
CA SER A 124 27.92 -11.98 -7.43
C SER A 124 29.01 -12.77 -6.74
N ASP B 1 6.67 -2.65 16.16
CA ASP B 1 5.82 -2.82 15.00
C ASP B 1 4.61 -3.70 15.24
N ILE B 2 3.52 -3.30 14.63
CA ILE B 2 2.29 -4.06 14.72
C ILE B 2 2.27 -5.07 13.57
N VAL B 3 2.53 -6.33 13.90
CA VAL B 3 2.55 -7.39 12.90
C VAL B 3 1.15 -7.84 12.50
N LEU B 4 0.84 -7.78 11.22
CA LEU B 4 -0.44 -8.24 10.72
C LEU B 4 -0.25 -9.62 10.10
N THR B 5 -0.91 -10.62 10.67
CA THR B 5 -0.82 -11.99 10.17
C THR B 5 -2.12 -12.37 9.47
N GLN B 6 -2.05 -12.62 8.18
CA GLN B 6 -3.23 -13.03 7.43
C GLN B 6 -3.26 -14.54 7.18
N SER B 7 -4.44 -15.13 7.37
CA SER B 7 -4.64 -16.52 6.98
C SER B 7 -6.02 -16.62 6.35
N PRO B 8 -6.21 -17.62 5.47
CA PRO B 8 -5.19 -18.55 4.95
C PRO B 8 -4.28 -17.78 4.01
N ALA B 9 -3.13 -18.32 3.61
CA ALA B 9 -2.31 -17.66 2.59
C ALA B 9 -3.05 -17.68 1.25
N THR B 10 -3.73 -18.80 1.00
CA THR B 10 -4.41 -19.07 -0.25
C THR B 10 -5.73 -19.81 -0.01
N LEU B 11 -6.77 -19.45 -0.76
CA LEU B 11 -8.05 -20.12 -0.65
C LEU B 11 -8.56 -20.36 -2.05
N SER B 12 -9.14 -21.53 -2.27
CA SER B 12 -9.82 -21.80 -3.53
C SER B 12 -11.29 -22.10 -3.23
N LEU B 13 -12.19 -21.41 -3.93
CA LEU B 13 -13.62 -21.45 -3.72
C LEU B 13 -14.34 -21.33 -5.05
N SER B 14 -15.64 -21.60 -5.04
CA SER B 14 -16.43 -21.48 -6.25
C SER B 14 -17.25 -20.19 -6.23
N PRO B 15 -17.64 -19.70 -7.40
CA PRO B 15 -18.54 -18.55 -7.53
C PRO B 15 -19.79 -18.76 -6.69
N GLY B 16 -20.29 -17.70 -6.06
CA GLY B 16 -21.47 -17.81 -5.23
C GLY B 16 -21.15 -18.07 -3.77
N GLU B 17 -20.01 -18.72 -3.53
CA GLU B 17 -19.60 -19.06 -2.17
C GLU B 17 -19.10 -17.88 -1.32
N ARG B 18 -18.82 -18.16 -0.05
CA ARG B 18 -18.45 -17.15 0.90
C ARG B 18 -16.97 -17.28 1.24
N ALA B 19 -16.25 -16.19 1.04
CA ALA B 19 -14.86 -16.14 1.42
C ALA B 19 -14.73 -15.41 2.74
N THR B 20 -14.06 -16.05 3.69
CA THR B 20 -13.82 -15.48 5.00
C THR B 20 -12.33 -15.34 5.25
N LEU B 21 -11.83 -14.10 5.24
CA LEU B 21 -10.39 -13.85 5.37
C LEU B 21 -10.03 -13.28 6.72
N SER B 22 -8.99 -13.81 7.33
CA SER B 22 -8.57 -13.31 8.66
C SER B 22 -7.33 -12.46 8.63
N CYS B 23 -7.32 -11.43 9.48
CA CYS B 23 -6.16 -10.57 9.70
C CYS B 23 -5.97 -10.38 11.21
N ARG B 24 -4.99 -11.09 11.77
CA ARG B 24 -4.70 -10.98 13.21
C ARG B 24 -3.55 -10.03 13.48
N ALA B 25 -3.78 -9.08 14.39
CA ALA B 25 -2.74 -8.10 14.71
C ALA B 25 -2.00 -8.52 15.98
N SER B 26 -0.69 -8.27 16.04
CA SER B 26 0.10 -8.68 17.22
C SER B 26 -0.17 -7.81 18.44
N GLN B 27 -1.11 -6.89 18.28
CA GLN B 27 -1.38 -5.89 19.28
C GLN B 27 -2.63 -5.16 18.86
N SER B 28 -3.30 -4.54 19.83
CA SER B 28 -4.55 -3.86 19.59
C SER B 28 -4.35 -2.76 18.56
N VAL B 29 -5.28 -2.65 17.62
CA VAL B 29 -5.20 -1.63 16.57
C VAL B 29 -6.06 -0.41 16.95
N SER B 30 -5.42 0.63 17.50
CA SER B 30 -6.16 1.78 18.04
C SER B 30 -7.14 2.39 17.01
N SER B 31 -8.30 2.84 17.49
CA SER B 31 -9.30 3.53 16.65
C SER B 31 -9.85 2.70 15.50
N ASN B 32 -9.66 1.39 15.54
CA ASN B 32 -10.04 0.54 14.42
C ASN B 32 -9.46 1.08 13.12
N TYR B 33 -8.21 1.53 13.15
CA TYR B 33 -7.58 2.08 11.94
C TYR B 33 -7.02 0.89 11.16
N LEU B 34 -7.91 0.17 10.50
CA LEU B 34 -7.55 -1.03 9.76
C LEU B 34 -8.28 -1.04 8.44
N ALA B 35 -7.54 -1.25 7.36
CA ALA B 35 -8.13 -1.17 6.04
C ALA B 35 -7.87 -2.46 5.26
N TRP B 36 -8.66 -2.68 4.22
CA TRP B 36 -8.47 -3.82 3.33
C TRP B 36 -8.36 -3.32 1.88
N TYR B 37 -7.47 -3.95 1.11
CA TYR B 37 -7.29 -3.60 -0.30
C TYR B 37 -7.40 -4.87 -1.13
N GLN B 38 -8.01 -4.73 -2.31
CA GLN B 38 -8.04 -5.76 -3.33
C GLN B 38 -6.99 -5.45 -4.39
N GLN B 39 -6.21 -6.44 -4.82
CA GLN B 39 -5.25 -6.22 -5.88
C GLN B 39 -5.31 -7.35 -6.91
N LYS B 40 -5.70 -6.99 -8.13
CA LYS B 40 -5.70 -7.91 -9.25
C LYS B 40 -4.35 -7.82 -9.94
N PRO B 41 -3.97 -8.87 -10.68
CA PRO B 41 -2.61 -8.95 -11.25
C PRO B 41 -2.33 -7.80 -12.21
N GLY B 42 -1.15 -7.18 -12.09
CA GLY B 42 -0.81 -6.05 -12.95
C GLY B 42 -1.40 -4.71 -12.57
N GLN B 43 -2.30 -4.69 -11.59
CA GLN B 43 -2.95 -3.44 -11.19
C GLN B 43 -2.49 -2.95 -9.82
N ALA B 44 -2.79 -1.68 -9.54
CA ALA B 44 -2.56 -1.08 -8.23
C ALA B 44 -3.58 -1.59 -7.21
N PRO B 45 -3.19 -1.60 -5.93
CA PRO B 45 -4.19 -1.94 -4.91
C PRO B 45 -5.43 -1.05 -5.02
N ARG B 46 -6.57 -1.57 -4.60
CA ARG B 46 -7.82 -0.82 -4.59
C ARG B 46 -8.45 -0.91 -3.20
N LEU B 47 -8.69 0.24 -2.57
CA LEU B 47 -9.33 0.28 -1.24
C LEU B 47 -10.72 -0.36 -1.28
N LEU B 48 -10.97 -1.29 -0.35
CA LEU B 48 -12.30 -1.89 -0.16
C LEU B 48 -12.92 -1.37 1.11
N ILE B 49 -12.14 -1.44 2.18
CA ILE B 49 -12.64 -1.16 3.51
C ILE B 49 -11.64 -0.37 4.33
N TYR B 50 -12.12 0.62 5.08
CA TYR B 50 -11.27 1.35 6.04
C TYR B 50 -12.00 1.51 7.36
N ASP B 51 -11.27 1.88 8.42
CA ASP B 51 -11.87 2.01 9.75
C ASP B 51 -12.59 0.72 10.07
N SER B 52 -11.94 -0.37 9.70
CA SER B 52 -12.38 -1.73 10.05
C SER B 52 -13.64 -2.13 9.27
N SER B 53 -14.71 -1.34 9.37
CA SER B 53 -15.98 -1.75 8.76
C SER B 53 -16.61 -0.79 7.76
N SER B 54 -15.89 0.28 7.44
CA SER B 54 -16.38 1.27 6.47
C SER B 54 -16.03 0.91 5.01
N ARG B 55 -17.07 0.64 4.24
CA ARG B 55 -16.93 0.33 2.84
C ARG B 55 -16.62 1.59 2.03
N ALA B 56 -15.58 1.51 1.22
CA ALA B 56 -15.20 2.62 0.33
C ALA B 56 -16.25 2.82 -0.74
N THR B 57 -16.27 4.02 -1.30
CA THR B 57 -17.28 4.39 -2.28
C THR B 57 -17.21 3.49 -3.51
N GLY B 58 -18.36 3.03 -3.97
CA GLY B 58 -18.43 2.14 -5.12
C GLY B 58 -18.12 0.67 -4.87
N VAL B 59 -17.78 0.32 -3.63
CA VAL B 59 -17.55 -1.07 -3.29
C VAL B 59 -18.88 -1.73 -2.94
N PRO B 60 -19.19 -2.85 -3.63
CA PRO B 60 -20.42 -3.65 -3.50
C PRO B 60 -20.66 -4.12 -2.06
N ALA B 61 -21.93 -4.24 -1.70
CA ALA B 61 -22.29 -4.63 -0.33
C ALA B 61 -21.80 -6.03 0.07
N ARG B 62 -21.55 -6.88 -0.92
CA ARG B 62 -21.09 -8.22 -0.62
C ARG B 62 -19.73 -8.22 0.09
N PHE B 63 -18.99 -7.12 -0.02
CA PHE B 63 -17.76 -6.98 0.75
C PHE B 63 -18.11 -6.31 2.06
N SER B 64 -17.73 -6.92 3.17
CA SER B 64 -17.88 -6.27 4.46
C SER B 64 -16.76 -6.68 5.42
N GLY B 65 -16.24 -5.71 6.15
CA GLY B 65 -15.18 -6.01 7.10
C GLY B 65 -15.70 -5.83 8.49
N SER B 66 -15.01 -6.42 9.47
CA SER B 66 -15.45 -6.35 10.83
C SER B 66 -14.32 -6.65 11.80
N GLY B 67 -14.60 -6.50 13.09
CA GLY B 67 -13.63 -6.80 14.12
C GLY B 67 -13.13 -5.57 14.85
N SER B 68 -12.37 -5.81 15.91
CA SER B 68 -11.77 -4.75 16.71
C SER B 68 -10.69 -5.38 17.58
N GLY B 69 -9.95 -4.55 18.30
CA GLY B 69 -8.83 -5.03 19.09
C GLY B 69 -7.87 -5.65 18.09
N THR B 70 -7.61 -6.96 18.25
CA THR B 70 -6.65 -7.64 17.40
C THR B 70 -7.18 -8.55 16.31
N ASP B 71 -8.49 -8.72 16.22
CA ASP B 71 -9.02 -9.70 15.27
C ASP B 71 -9.94 -9.10 14.24
N PHE B 72 -9.49 -9.12 13.00
CA PHE B 72 -10.26 -8.53 11.94
C PHE B 72 -10.56 -9.55 10.86
N THR B 73 -11.65 -9.34 10.14
CA THR B 73 -12.04 -10.27 9.10
C THR B 73 -12.75 -9.54 7.96
N LEU B 74 -12.41 -9.94 6.74
CA LEU B 74 -13.11 -9.48 5.54
C LEU B 74 -13.94 -10.64 5.03
N THR B 75 -15.20 -10.37 4.72
CA THR B 75 -16.12 -11.39 4.28
C THR B 75 -16.67 -11.01 2.92
N ILE B 76 -16.53 -11.90 1.95
CA ILE B 76 -17.18 -11.68 0.67
C ILE B 76 -18.31 -12.65 0.52
N SER B 77 -19.52 -12.21 0.86
CA SER B 77 -20.66 -13.09 1.05
C SER B 77 -20.96 -13.98 -0.16
N SER B 78 -20.87 -13.43 -1.37
CA SER B 78 -21.03 -14.31 -2.53
C SER B 78 -20.09 -13.92 -3.68
N LEU B 79 -19.12 -14.78 -3.93
CA LEU B 79 -18.04 -14.48 -4.87
C LEU B 79 -18.50 -14.33 -6.30
N GLU B 80 -18.06 -13.25 -6.94
CA GLU B 80 -18.17 -13.14 -8.38
C GLU B 80 -16.80 -13.54 -8.90
N PRO B 81 -16.73 -13.93 -10.18
CA PRO B 81 -15.45 -14.33 -10.79
C PRO B 81 -14.41 -13.21 -10.80
N GLU B 82 -14.84 -11.96 -10.91
CA GLU B 82 -13.88 -10.86 -10.87
C GLU B 82 -13.30 -10.66 -9.47
N ASP B 83 -13.97 -11.22 -8.47
CA ASP B 83 -13.53 -11.08 -7.08
C ASP B 83 -12.21 -11.80 -6.80
N PHE B 84 -11.72 -12.55 -7.77
CA PHE B 84 -10.52 -13.32 -7.55
C PHE B 84 -9.23 -12.52 -7.63
N ALA B 85 -8.56 -12.37 -6.49
CA ALA B 85 -7.43 -11.47 -6.39
C ALA B 85 -6.67 -11.68 -5.10
N VAL B 86 -5.68 -10.83 -4.86
CA VAL B 86 -5.01 -10.82 -3.57
C VAL B 86 -5.54 -9.71 -2.64
N TYR B 87 -5.79 -10.06 -1.38
CA TYR B 87 -6.36 -9.13 -0.42
C TYR B 87 -5.39 -8.85 0.70
N TYR B 88 -5.09 -7.56 0.90
CA TYR B 88 -4.16 -7.15 1.95
C TYR B 88 -4.89 -6.40 3.06
N CYS B 89 -4.46 -6.63 4.28
CA CYS B 89 -4.95 -5.86 5.40
C CYS B 89 -3.84 -4.90 5.78
N HIS B 90 -4.20 -3.80 6.44
CA HIS B 90 -3.31 -2.66 6.65
C HIS B 90 -3.69 -1.88 7.89
N GLN B 91 -2.76 -1.77 8.85
CA GLN B 91 -3.00 -0.94 10.03
C GLN B 91 -2.33 0.44 9.92
N TYR B 92 -3.11 1.50 10.05
CA TYR B 92 -2.58 2.85 10.14
C TYR B 92 -2.72 3.45 11.54
N SER B 93 -2.56 2.63 12.56
CA SER B 93 -2.83 3.08 13.91
C SER B 93 -1.61 3.41 14.75
N ASP B 94 -0.44 3.44 14.14
CA ASP B 94 0.73 4.01 14.81
C ASP B 94 1.61 4.73 13.77
N ILE B 95 2.86 5.06 14.09
CA ILE B 95 3.72 5.74 13.10
C ILE B 95 4.52 4.89 12.12
N SER B 96 4.43 3.56 12.23
CA SER B 96 5.10 2.66 11.27
C SER B 96 4.06 1.82 10.58
N PRO B 97 3.42 2.36 9.53
CA PRO B 97 2.35 1.59 8.87
C PRO B 97 2.85 0.20 8.50
N THR B 98 2.01 -0.82 8.66
CA THR B 98 2.35 -2.19 8.25
C THR B 98 1.19 -2.85 7.51
N PHE B 99 1.53 -3.87 6.74
CA PHE B 99 0.55 -4.63 5.96
C PHE B 99 0.60 -6.12 6.31
N GLY B 100 -0.49 -6.83 6.02
CA GLY B 100 -0.44 -8.26 6.05
C GLY B 100 0.27 -8.79 4.81
N GLN B 101 0.61 -10.07 4.83
CA GLN B 101 1.27 -10.74 3.71
C GLN B 101 0.33 -10.99 2.54
N GLY B 102 -0.97 -10.74 2.75
CA GLY B 102 -1.94 -10.96 1.70
C GLY B 102 -2.57 -12.34 1.71
N THR B 103 -3.79 -12.42 1.18
CA THR B 103 -4.47 -13.70 1.01
C THR B 103 -4.89 -13.78 -0.44
N LYS B 104 -4.49 -14.84 -1.12
CA LYS B 104 -4.89 -15.00 -2.51
C LYS B 104 -6.18 -15.81 -2.56
N VAL B 105 -7.19 -15.25 -3.22
CA VAL B 105 -8.47 -15.93 -3.38
C VAL B 105 -8.64 -16.41 -4.82
N GLU B 106 -8.73 -17.72 -5.00
CA GLU B 106 -8.99 -18.35 -6.30
C GLU B 106 -10.39 -18.97 -6.34
#